data_5HQT
#
_entry.id   5HQT
#
_cell.length_a   47.985
_cell.length_b   46.489
_cell.length_c   117.533
_cell.angle_alpha   90.00
_cell.angle_beta   90.00
_cell.angle_gamma   90.00
#
_symmetry.space_group_name_H-M   'P 21 2 21'
#
loop_
_entity.id
_entity.type
_entity.pdbx_description
1 polymer 'aspartate/glutamate racemase'
2 non-polymer '2-[N-CYCLOHEXYLAMINO]ETHANE SULFONIC ACID'
3 water water
#
_entity_poly.entity_id   1
_entity_poly.type   'polypeptide(L)'
_entity_poly.pdbx_seq_one_letter_code
;MKTIGLLGGMSWESTIPYYRLINEGIKQRLGGLHSAQVLLHSVDFHEIEECQRRGEWDKTGDILAEAALGLQRAGAEGIV
LCTNTMHKVADAIESRCTLPFLHIADATGRAITGAGMTRVALLGTRYTMEQDFYRGRLTEQFSINCLIPEADERAKINQI
IFEELCLGQFTEASRAYYAQVIARLAEQGAQGVIFGCTEIGLLVPEERSVLPVFDTAAIHAEDAVAFMLSLEHHH
;
_entity_poly.pdbx_strand_id   A
#
# COMPACT_ATOMS: atom_id res chain seq x y z
N MET A 1 -12.61 -13.77 15.86
CA MET A 1 -12.16 -13.05 14.67
C MET A 1 -11.01 -13.82 14.08
N LYS A 2 -10.75 -13.60 12.79
CA LYS A 2 -9.59 -14.22 12.16
C LYS A 2 -8.35 -13.41 12.44
N THR A 3 -7.22 -14.09 12.57
CA THR A 3 -5.94 -13.46 12.85
C THR A 3 -5.31 -13.03 11.53
N ILE A 4 -4.94 -11.73 11.43
CA ILE A 4 -4.35 -11.22 10.19
C ILE A 4 -2.84 -11.29 10.33
N GLY A 5 -2.18 -11.63 9.21
CA GLY A 5 -0.73 -11.68 9.18
C GLY A 5 -0.21 -10.52 8.36
N LEU A 6 0.58 -9.63 8.96
CA LEU A 6 1.10 -8.43 8.31
C LEU A 6 2.54 -8.66 7.92
N LEU A 7 2.89 -8.35 6.67
CA LEU A 7 4.27 -8.32 6.20
C LEU A 7 4.66 -6.86 6.13
N GLY A 8 5.52 -6.43 7.05
CA GLY A 8 5.76 -4.99 7.19
C GLY A 8 7.22 -4.64 7.36
N GLY A 9 7.47 -3.41 7.86
CA GLY A 9 8.80 -2.82 7.88
C GLY A 9 9.28 -2.39 6.51
N MET A 10 8.35 -2.00 5.62
CA MET A 10 8.68 -1.55 4.27
C MET A 10 8.05 -0.22 3.86
N SER A 11 8.30 0.85 4.63
CA SER A 11 9.15 0.86 5.83
C SER A 11 8.31 0.70 7.08
N TRP A 12 8.96 0.56 8.24
CA TRP A 12 8.23 0.48 9.49
C TRP A 12 7.40 1.72 9.76
N GLU A 13 7.79 2.88 9.21
CA GLU A 13 6.99 4.10 9.45
C GLU A 13 5.55 3.92 8.97
N SER A 14 5.33 3.25 7.83
CA SER A 14 3.96 3.04 7.38
C SER A 14 3.34 1.77 7.96
N THR A 15 4.13 0.87 8.57
CA THR A 15 3.52 -0.26 9.25
C THR A 15 2.74 0.19 10.48
N ILE A 16 3.21 1.24 11.18
CA ILE A 16 2.44 1.73 12.34
C ILE A 16 1.00 2.09 11.96
N PRO A 17 0.72 2.89 10.92
CA PRO A 17 -0.69 3.13 10.54
C PRO A 17 -1.49 1.87 10.30
N TYR A 18 -0.92 0.83 9.70
CA TYR A 18 -1.67 -0.42 9.55
C TYR A 18 -2.09 -0.94 10.91
N TYR A 19 -1.14 -1.04 11.84
CA TYR A 19 -1.45 -1.59 13.14
C TYR A 19 -2.46 -0.71 13.89
N ARG A 20 -2.29 0.62 13.83
CA ARG A 20 -3.24 1.51 14.50
C ARG A 20 -4.65 1.39 13.91
N LEU A 21 -4.74 1.43 12.58
CA LEU A 21 -6.06 1.42 11.93
C LEU A 21 -6.75 0.07 12.07
N ILE A 22 -6.00 -1.04 12.04
CA ILE A 22 -6.65 -2.33 12.19
C ILE A 22 -7.21 -2.51 13.61
N ASN A 23 -6.40 -2.16 14.63
CA ASN A 23 -6.90 -2.14 16.01
C ASN A 23 -8.08 -1.17 16.18
N GLU A 24 -8.01 0.03 15.59
CA GLU A 24 -9.15 0.95 15.74
C GLU A 24 -10.40 0.44 15.05
N GLY A 25 -10.26 -0.19 13.88
CA GLY A 25 -11.43 -0.81 13.24
C GLY A 25 -12.06 -1.89 14.11
N ILE A 26 -11.24 -2.70 14.75
CA ILE A 26 -11.78 -3.77 15.60
C ILE A 26 -12.46 -3.17 16.82
N LYS A 27 -11.82 -2.18 17.46
CA LYS A 27 -12.44 -1.50 18.58
C LYS A 27 -13.79 -0.91 18.16
N GLN A 28 -13.84 -0.25 17.00
CA GLN A 28 -15.07 0.39 16.57
C GLN A 28 -16.20 -0.60 16.38
N ARG A 29 -15.88 -1.79 15.89
CA ARG A 29 -16.92 -2.76 15.58
C ARG A 29 -17.29 -3.65 16.74
N LEU A 30 -16.33 -4.04 17.60
CA LEU A 30 -16.64 -4.93 18.71
C LEU A 30 -16.78 -4.22 20.05
N GLY A 31 -16.24 -3.02 20.20
CA GLY A 31 -16.42 -2.24 21.42
C GLY A 31 -15.57 -2.70 22.59
N GLY A 32 -15.75 -2.04 23.73
CA GLY A 32 -15.03 -2.49 24.92
C GLY A 32 -13.53 -2.41 24.72
N LEU A 33 -12.81 -3.42 25.26
CA LEU A 33 -11.35 -3.52 25.18
C LEU A 33 -10.90 -4.46 24.06
N HIS A 34 -11.81 -4.83 23.17
CA HIS A 34 -11.44 -5.66 22.04
C HIS A 34 -10.35 -4.98 21.20
N SER A 35 -9.36 -5.79 20.81
CA SER A 35 -8.31 -5.34 19.89
C SER A 35 -8.02 -6.42 18.89
N ALA A 36 -7.20 -6.10 17.88
CA ALA A 36 -7.02 -7.00 16.74
C ALA A 36 -6.07 -8.14 17.06
N GLN A 37 -6.40 -9.34 16.56
CA GLN A 37 -5.45 -10.44 16.55
C GLN A 37 -4.52 -10.27 15.36
N VAL A 38 -3.29 -9.86 15.61
CA VAL A 38 -2.33 -9.54 14.55
C VAL A 38 -1.08 -10.37 14.74
N LEU A 39 -0.60 -10.95 13.67
CA LEU A 39 0.77 -11.43 13.62
C LEU A 39 1.48 -10.51 12.63
N LEU A 40 2.62 -9.94 13.03
CA LEU A 40 3.43 -9.08 12.16
C LEU A 40 4.85 -9.64 12.01
N HIS A 41 5.32 -9.72 10.76
CA HIS A 41 6.73 -9.91 10.43
C HIS A 41 7.24 -8.61 9.83
N SER A 42 8.14 -7.92 10.56
CA SER A 42 8.77 -6.68 10.11
C SER A 42 10.20 -6.97 9.69
N VAL A 43 10.51 -6.64 8.46
CA VAL A 43 11.82 -6.94 7.88
C VAL A 43 12.80 -5.85 8.23
N ASP A 44 14.08 -6.13 8.04
CA ASP A 44 15.07 -5.06 7.93
C ASP A 44 14.97 -4.53 6.51
N PHE A 45 14.45 -3.29 6.36
CA PHE A 45 14.13 -2.73 5.03
C PHE A 45 15.39 -2.55 4.19
N HIS A 46 16.55 -2.44 4.83
CA HIS A 46 17.78 -2.21 4.06
C HIS A 46 17.98 -3.32 3.05
N GLU A 47 17.81 -4.56 3.50
CA GLU A 47 18.01 -5.68 2.58
C GLU A 47 17.01 -5.62 1.43
N ILE A 48 15.74 -5.37 1.74
CA ILE A 48 14.72 -5.28 0.70
C ILE A 48 15.02 -4.16 -0.28
N GLU A 49 15.29 -2.95 0.24
CA GLU A 49 15.48 -1.81 -0.64
C GLU A 49 16.73 -1.97 -1.48
N GLU A 50 17.78 -2.58 -0.90
CA GLU A 50 18.99 -2.88 -1.69
C GLU A 50 18.68 -3.85 -2.83
N CYS A 51 17.87 -4.90 -2.55
CA CYS A 51 17.43 -5.79 -3.62
C CYS A 51 16.63 -5.06 -4.69
N GLN A 52 15.80 -4.09 -4.30
CA GLN A 52 15.06 -3.31 -5.32
C GLN A 52 16.05 -2.69 -6.29
N ARG A 53 17.07 -2.02 -5.77
CA ARG A 53 18.04 -1.33 -6.61
C ARG A 53 18.90 -2.29 -7.43
N ARG A 54 19.17 -3.48 -6.92
CA ARG A 54 19.97 -4.44 -7.67
C ARG A 54 19.15 -5.27 -8.63
N GLY A 55 17.83 -5.08 -8.66
CA GLY A 55 16.94 -5.92 -9.44
C GLY A 55 16.82 -7.36 -8.95
N GLU A 56 17.16 -7.65 -7.69
CA GLU A 56 17.06 -9.00 -7.11
C GLU A 56 15.66 -9.25 -6.56
N TRP A 57 14.67 -9.20 -7.46
CA TRP A 57 13.28 -9.35 -7.04
C TRP A 57 12.96 -10.76 -6.57
N ASP A 58 13.53 -11.76 -7.23
CA ASP A 58 13.27 -13.13 -6.80
C ASP A 58 13.72 -13.34 -5.36
N LYS A 59 14.84 -12.74 -4.96
CA LYS A 59 15.29 -12.87 -3.59
C LYS A 59 14.28 -12.26 -2.62
N THR A 60 13.68 -11.13 -3.00
CA THR A 60 12.67 -10.54 -2.12
C THR A 60 11.41 -11.39 -2.09
N GLY A 61 11.07 -12.04 -3.20
CA GLY A 61 9.94 -12.96 -3.16
C GLY A 61 10.20 -14.07 -2.17
N ASP A 62 11.43 -14.58 -2.16
CA ASP A 62 11.80 -15.65 -1.23
C ASP A 62 11.69 -15.19 0.21
N ILE A 63 12.24 -14.01 0.50
CA ILE A 63 12.20 -13.47 1.86
C ILE A 63 10.76 -13.27 2.33
N LEU A 64 9.93 -12.65 1.49
CA LEU A 64 8.57 -12.37 1.94
C LEU A 64 7.70 -13.64 1.96
N ALA A 65 7.89 -14.56 1.01
CA ALA A 65 7.12 -15.79 1.06
C ALA A 65 7.48 -16.63 2.29
N GLU A 66 8.76 -16.68 2.65
CA GLU A 66 9.11 -17.42 3.86
C GLU A 66 8.54 -16.72 5.11
N ALA A 67 8.53 -15.39 5.10
CA ALA A 67 7.90 -14.68 6.20
C ALA A 67 6.42 -15.01 6.30
N ALA A 68 5.71 -15.01 5.17
CA ALA A 68 4.28 -15.33 5.21
C ALA A 68 4.06 -16.72 5.77
N LEU A 69 4.91 -17.67 5.36
CA LEU A 69 4.82 -19.02 5.91
C LEU A 69 5.04 -19.03 7.42
N GLY A 70 6.01 -18.25 7.91
CA GLY A 70 6.22 -18.20 9.34
C GLY A 70 4.98 -17.73 10.07
N LEU A 71 4.31 -16.70 9.53
CA LEU A 71 3.11 -16.22 10.19
C LEU A 71 1.99 -17.23 10.08
N GLN A 72 1.89 -17.95 8.95
CA GLN A 72 0.87 -18.98 8.85
C GLN A 72 1.07 -20.03 9.92
N ARG A 73 2.32 -20.47 10.13
CA ARG A 73 2.61 -21.49 11.13
C ARG A 73 2.28 -21.02 12.54
N ALA A 74 2.31 -19.71 12.80
CA ALA A 74 1.91 -19.16 14.09
C ALA A 74 0.41 -18.89 14.20
N GLY A 75 -0.35 -19.10 13.14
CA GLY A 75 -1.79 -19.02 13.20
C GLY A 75 -2.42 -17.92 12.35
N ALA A 76 -1.65 -17.23 11.50
CA ALA A 76 -2.28 -16.25 10.62
C ALA A 76 -3.30 -16.92 9.71
N GLU A 77 -4.38 -16.18 9.39
CA GLU A 77 -5.43 -16.71 8.54
C GLU A 77 -5.59 -15.94 7.23
N GLY A 78 -4.77 -14.91 7.01
CA GLY A 78 -4.71 -14.21 5.74
C GLY A 78 -3.47 -13.35 5.81
N ILE A 79 -3.06 -12.83 4.64
CA ILE A 79 -1.79 -12.11 4.51
C ILE A 79 -2.06 -10.72 3.93
N VAL A 80 -1.49 -9.72 4.57
CA VAL A 80 -1.51 -8.34 4.11
C VAL A 80 -0.06 -7.89 4.01
N LEU A 81 0.35 -7.48 2.79
CA LEU A 81 1.68 -6.96 2.50
C LEU A 81 1.66 -5.42 2.55
N CYS A 82 2.39 -4.84 3.50
CA CYS A 82 2.26 -3.42 3.85
C CYS A 82 3.17 -2.56 2.98
N THR A 83 2.94 -2.64 1.67
CA THR A 83 3.79 -1.95 0.71
C THR A 83 3.25 -2.21 -0.69
N ASN A 84 3.06 -1.13 -1.46
CA ASN A 84 2.64 -1.29 -2.86
C ASN A 84 3.78 -1.87 -3.69
N THR A 85 4.98 -1.30 -3.55
CA THR A 85 6.11 -1.73 -4.39
C THR A 85 6.26 -3.26 -4.37
N MET A 86 6.20 -3.85 -3.17
CA MET A 86 6.56 -5.27 -3.11
C MET A 86 5.45 -6.20 -3.57
N HIS A 87 4.29 -5.67 -3.99
CA HIS A 87 3.35 -6.50 -4.73
C HIS A 87 3.89 -6.88 -6.09
N LYS A 88 5.01 -6.29 -6.51
CA LYS A 88 5.71 -6.82 -7.68
C LYS A 88 6.04 -8.30 -7.51
N VAL A 89 6.20 -8.78 -6.28
CA VAL A 89 6.49 -10.20 -6.03
C VAL A 89 5.34 -10.89 -5.28
N ALA A 90 4.12 -10.36 -5.34
CA ALA A 90 2.98 -11.03 -4.70
C ALA A 90 2.85 -12.48 -5.17
N ASP A 91 3.12 -12.74 -6.45
CA ASP A 91 2.95 -14.10 -6.97
C ASP A 91 3.79 -15.10 -6.18
N ALA A 92 5.00 -14.71 -5.74
CA ALA A 92 5.82 -15.65 -4.96
C ALA A 92 5.19 -15.96 -3.62
N ILE A 93 4.60 -14.95 -2.97
CA ILE A 93 3.93 -15.17 -1.69
C ILE A 93 2.71 -16.06 -1.88
N GLU A 94 1.84 -15.72 -2.84
CA GLU A 94 0.62 -16.49 -3.03
C GLU A 94 0.91 -17.93 -3.47
N SER A 95 2.00 -18.15 -4.21
CA SER A 95 2.30 -19.51 -4.67
C SER A 95 2.72 -20.39 -3.50
N ARG A 96 3.38 -19.81 -2.53
CA ARG A 96 3.97 -20.59 -1.47
C ARG A 96 3.08 -20.67 -0.25
N CYS A 97 2.35 -19.61 0.00
CA CYS A 97 1.54 -19.56 1.20
C CYS A 97 0.07 -19.69 0.80
N THR A 98 -0.61 -20.69 1.35
CA THR A 98 -1.96 -21.02 0.94
C THR A 98 -3.03 -20.13 1.56
N LEU A 99 -2.64 -19.19 2.43
CA LEU A 99 -3.58 -18.28 3.06
C LEU A 99 -4.17 -17.32 2.03
N PRO A 100 -5.40 -16.86 2.25
CA PRO A 100 -5.91 -15.74 1.46
C PRO A 100 -4.93 -14.57 1.51
N PHE A 101 -4.64 -14.01 0.34
CA PHE A 101 -3.71 -12.90 0.18
C PHE A 101 -4.52 -11.70 -0.25
N LEU A 102 -4.56 -10.67 0.61
CA LEU A 102 -5.41 -9.51 0.38
C LEU A 102 -4.62 -8.47 -0.42
N HIS A 103 -4.73 -8.55 -1.76
CA HIS A 103 -3.85 -7.76 -2.61
C HIS A 103 -4.18 -6.28 -2.43
N ILE A 104 -3.15 -5.47 -2.20
CA ILE A 104 -3.37 -4.04 -1.92
C ILE A 104 -4.06 -3.33 -3.09
N ALA A 105 -3.74 -3.72 -4.30
CA ALA A 105 -4.31 -3.07 -5.47
C ALA A 105 -5.76 -3.46 -5.68
N ASP A 106 -6.16 -4.66 -5.24
CA ASP A 106 -7.56 -5.03 -5.31
C ASP A 106 -8.40 -4.19 -4.34
N ALA A 107 -7.89 -3.95 -3.12
CA ALA A 107 -8.64 -3.14 -2.19
C ALA A 107 -8.78 -1.71 -2.72
N THR A 108 -7.69 -1.20 -3.30
CA THR A 108 -7.69 0.14 -3.84
C THR A 108 -8.60 0.23 -5.07
N GLY A 109 -8.51 -0.73 -5.96
CA GLY A 109 -9.36 -0.70 -7.14
C GLY A 109 -10.85 -0.82 -6.81
N ARG A 110 -11.18 -1.59 -5.76
CA ARG A 110 -12.58 -1.60 -5.30
C ARG A 110 -13.00 -0.22 -4.82
N ALA A 111 -12.11 0.50 -4.09
CA ALA A 111 -12.45 1.85 -3.62
C ALA A 111 -12.63 2.81 -4.81
N ILE A 112 -11.69 2.76 -5.76
CA ILE A 112 -11.80 3.67 -6.91
C ILE A 112 -13.06 3.37 -7.72
N THR A 113 -13.34 2.09 -7.95
CA THR A 113 -14.59 1.67 -8.58
C THR A 113 -15.80 2.28 -7.87
N GLY A 114 -15.84 2.19 -6.54
CA GLY A 114 -16.99 2.70 -5.81
C GLY A 114 -17.13 4.18 -5.93
N ALA A 115 -16.04 4.86 -6.23
CA ALA A 115 -16.06 6.27 -6.51
C ALA A 115 -16.45 6.56 -7.95
N GLY A 116 -16.60 5.52 -8.79
CA GLY A 116 -17.03 5.75 -10.16
C GLY A 116 -15.97 6.39 -11.04
N MET A 117 -14.71 6.21 -10.68
CA MET A 117 -13.58 6.77 -11.41
C MET A 117 -12.90 5.72 -12.27
N THR A 118 -12.36 6.17 -13.41
CA THR A 118 -11.63 5.29 -14.32
C THR A 118 -10.27 5.85 -14.71
N ARG A 119 -9.96 7.08 -14.33
N ARG A 119 -9.97 7.08 -14.32
CA ARG A 119 -8.72 7.74 -14.71
CA ARG A 119 -8.73 7.76 -14.70
C ARG A 119 -8.20 8.48 -13.48
C ARG A 119 -8.20 8.49 -13.47
N VAL A 120 -7.15 7.94 -12.85
CA VAL A 120 -6.63 8.47 -11.59
C VAL A 120 -5.13 8.71 -11.71
N ALA A 121 -4.63 9.69 -10.96
CA ALA A 121 -3.18 9.89 -10.82
C ALA A 121 -2.60 8.86 -9.86
N LEU A 122 -1.35 8.44 -10.13
CA LEU A 122 -0.68 7.43 -9.32
C LEU A 122 0.67 7.99 -8.87
N LEU A 123 0.84 8.14 -7.56
CA LEU A 123 2.12 8.49 -6.95
C LEU A 123 2.61 7.27 -6.20
N GLY A 124 3.92 7.00 -6.30
CA GLY A 124 4.48 5.88 -5.58
C GLY A 124 5.98 5.86 -5.80
N THR A 125 6.62 4.73 -5.47
CA THR A 125 7.98 4.56 -5.89
C THR A 125 8.07 4.52 -7.41
N ARG A 126 9.29 4.69 -7.94
CA ARG A 126 9.42 4.65 -9.38
C ARG A 126 9.04 3.29 -9.92
N TYR A 127 9.28 2.22 -9.14
CA TYR A 127 8.87 0.90 -9.62
C TYR A 127 7.36 0.85 -9.82
N THR A 128 6.59 1.27 -8.80
CA THR A 128 5.15 1.21 -8.87
C THR A 128 4.59 2.07 -10.01
N MET A 129 5.16 3.27 -10.19
CA MET A 129 4.64 4.19 -11.20
C MET A 129 5.00 3.76 -12.60
N GLU A 130 6.23 3.26 -12.81
CA GLU A 130 6.73 3.05 -14.16
C GLU A 130 6.53 1.64 -14.66
N GLN A 131 6.54 0.64 -13.81
CA GLN A 131 6.49 -0.73 -14.29
C GLN A 131 5.03 -1.17 -14.50
N ASP A 132 4.86 -2.45 -14.88
CA ASP A 132 3.57 -2.99 -15.28
C ASP A 132 2.79 -3.62 -14.14
N PHE A 133 3.44 -4.00 -13.04
CA PHE A 133 2.81 -4.95 -12.12
C PHE A 133 1.60 -4.34 -11.41
N TYR A 134 1.66 -3.03 -11.10
CA TYR A 134 0.61 -2.43 -10.28
C TYR A 134 -0.47 -1.85 -11.18
N ARG A 135 -0.06 -0.99 -12.10
CA ARG A 135 -1.00 -0.41 -13.06
C ARG A 135 -1.66 -1.47 -13.92
N GLY A 136 -0.94 -2.55 -14.27
CA GLY A 136 -1.51 -3.57 -15.13
C GLY A 136 -2.60 -4.37 -14.46
N ARG A 137 -2.48 -4.57 -13.16
CA ARG A 137 -3.56 -5.18 -12.40
C ARG A 137 -4.77 -4.25 -12.33
N LEU A 138 -4.56 -2.96 -12.13
CA LEU A 138 -5.71 -2.06 -12.09
C LEU A 138 -6.42 -2.00 -13.44
N THR A 139 -5.66 -2.02 -14.54
CA THR A 139 -6.26 -2.03 -15.87
C THR A 139 -7.00 -3.34 -16.14
N GLU A 140 -6.34 -4.46 -15.87
CA GLU A 140 -6.91 -5.76 -16.20
C GLU A 140 -8.11 -6.09 -15.34
N GLN A 141 -8.06 -5.74 -14.04
CA GLN A 141 -9.10 -6.19 -13.12
C GLN A 141 -10.20 -5.17 -12.92
N PHE A 142 -9.93 -3.89 -13.11
CA PHE A 142 -10.91 -2.86 -12.83
C PHE A 142 -11.12 -1.87 -13.97
N SER A 143 -10.37 -1.98 -15.07
CA SER A 143 -10.40 -1.05 -16.18
C SER A 143 -10.20 0.38 -15.66
N ILE A 144 -9.27 0.52 -14.72
CA ILE A 144 -8.83 1.81 -14.20
C ILE A 144 -7.49 2.14 -14.82
N ASN A 145 -7.37 3.34 -15.38
CA ASN A 145 -6.15 3.86 -15.98
C ASN A 145 -5.47 4.84 -15.03
N CYS A 146 -4.14 4.76 -14.96
CA CYS A 146 -3.38 5.68 -14.13
C CYS A 146 -2.58 6.67 -14.97
N LEU A 147 -2.69 7.95 -14.61
CA LEU A 147 -1.73 8.96 -15.01
C LEU A 147 -0.58 9.02 -14.01
N ILE A 148 0.66 9.11 -14.50
CA ILE A 148 1.80 9.22 -13.60
C ILE A 148 2.53 10.52 -13.90
N PRO A 149 3.33 10.98 -12.95
CA PRO A 149 4.05 12.25 -13.14
C PRO A 149 5.10 12.18 -14.25
N GLU A 150 5.54 13.37 -14.68
CA GLU A 150 6.63 13.47 -15.65
C GLU A 150 7.94 12.93 -15.06
N ALA A 151 8.87 12.55 -15.93
CA ALA A 151 10.02 11.77 -15.48
C ALA A 151 10.81 12.50 -14.38
N ASP A 152 10.96 13.84 -14.48
CA ASP A 152 11.70 14.56 -13.43
C ASP A 152 10.94 14.54 -12.12
N GLU A 153 9.63 14.75 -12.21
CA GLU A 153 8.79 14.70 -11.02
C GLU A 153 8.87 13.34 -10.37
N ARG A 154 8.87 12.28 -11.17
CA ARG A 154 8.93 10.93 -10.62
C ARG A 154 10.23 10.69 -9.88
N ALA A 155 11.35 11.16 -10.44
CA ALA A 155 12.63 11.00 -9.74
C ALA A 155 12.57 11.63 -8.36
N LYS A 156 12.01 12.85 -8.26
CA LYS A 156 11.98 13.56 -7.00
C LYS A 156 10.99 12.93 -6.01
N ILE A 157 9.79 12.58 -6.46
CA ILE A 157 8.83 11.84 -5.62
C ILE A 157 9.48 10.60 -5.02
N ASN A 158 10.23 9.87 -5.85
CA ASN A 158 10.87 8.63 -5.40
C ASN A 158 12.00 8.89 -4.41
N GLN A 159 12.83 9.90 -4.70
CA GLN A 159 13.87 10.31 -3.77
C GLN A 159 13.29 10.75 -2.43
N ILE A 160 12.16 11.46 -2.44
CA ILE A 160 11.54 11.88 -1.19
C ILE A 160 11.09 10.66 -0.39
N ILE A 161 10.56 9.63 -1.06
CA ILE A 161 10.13 8.42 -0.33
C ILE A 161 11.31 7.83 0.42
N PHE A 162 12.41 7.63 -0.27
CA PHE A 162 13.47 6.81 0.31
C PHE A 162 14.42 7.60 1.17
N GLU A 163 14.64 8.87 0.83
CA GLU A 163 15.59 9.68 1.57
C GLU A 163 14.96 10.46 2.71
N GLU A 164 13.64 10.67 2.68
CA GLU A 164 12.94 11.38 3.74
C GLU A 164 11.88 10.53 4.43
N LEU A 165 10.87 10.06 3.70
CA LEU A 165 9.68 9.51 4.37
C LEU A 165 10.02 8.25 5.13
N CYS A 166 10.82 7.37 4.54
CA CYS A 166 11.17 6.12 5.19
C CYS A 166 12.13 6.35 6.34
N LEU A 167 12.64 7.59 6.47
CA LEU A 167 13.51 7.96 7.57
C LEU A 167 12.82 8.84 8.58
N GLY A 168 11.50 9.01 8.47
CA GLY A 168 10.71 9.80 9.41
C GLY A 168 10.76 11.30 9.24
N GLN A 169 11.27 11.79 8.11
CA GLN A 169 11.36 13.22 7.83
C GLN A 169 10.20 13.63 6.93
N PHE A 170 9.36 14.55 7.40
CA PHE A 170 8.15 14.99 6.69
C PHE A 170 8.23 16.51 6.53
N THR A 171 8.84 16.97 5.44
CA THR A 171 9.17 18.38 5.29
C THR A 171 8.10 19.10 4.49
N GLU A 172 7.89 20.38 4.82
CA GLU A 172 6.93 21.18 4.06
C GLU A 172 7.38 21.39 2.62
N ALA A 173 8.68 21.59 2.39
CA ALA A 173 9.14 21.64 1.01
C ALA A 173 8.72 20.40 0.21
N SER A 174 8.85 19.20 0.79
CA SER A 174 8.42 18.00 0.08
C SER A 174 6.90 17.89 0.00
N ARG A 175 6.21 18.15 1.11
CA ARG A 175 4.76 18.23 1.09
C ARG A 175 4.25 19.14 -0.03
N ALA A 176 4.83 20.34 -0.14
CA ALA A 176 4.37 21.27 -1.18
C ALA A 176 4.67 20.74 -2.56
N TYR A 177 5.83 20.12 -2.75
CA TYR A 177 6.15 19.52 -4.03
C TYR A 177 5.11 18.47 -4.42
N TYR A 178 4.80 17.55 -3.51
CA TYR A 178 3.77 16.54 -3.80
C TYR A 178 2.45 17.20 -4.17
N ALA A 179 2.05 18.22 -3.42
CA ALA A 179 0.78 18.86 -3.68
C ALA A 179 0.76 19.56 -5.04
N GLN A 180 1.91 20.05 -5.47
CA GLN A 180 2.00 20.69 -6.78
C GLN A 180 1.91 19.68 -7.91
N VAL A 181 2.55 18.52 -7.73
CA VAL A 181 2.43 17.43 -8.70
C VAL A 181 0.99 16.95 -8.79
N ILE A 182 0.30 16.80 -7.64
CA ILE A 182 -1.12 16.41 -7.68
C ILE A 182 -1.92 17.45 -8.46
N ALA A 183 -1.70 18.74 -8.18
CA ALA A 183 -2.45 19.76 -8.92
C ALA A 183 -2.18 19.69 -10.40
N ARG A 184 -0.94 19.35 -10.79
CA ARG A 184 -0.65 19.29 -12.21
C ARG A 184 -1.36 18.10 -12.83
N LEU A 185 -1.36 16.94 -12.16
CA LEU A 185 -2.09 15.81 -12.71
C LEU A 185 -3.59 16.07 -12.71
N ALA A 186 -4.11 16.86 -11.75
CA ALA A 186 -5.50 17.26 -11.83
C ALA A 186 -5.76 18.08 -13.10
N GLU A 187 -4.81 18.97 -13.44
CA GLU A 187 -4.92 19.71 -14.69
C GLU A 187 -4.97 18.78 -15.89
N GLN A 188 -4.28 17.64 -15.81
CA GLN A 188 -4.26 16.71 -16.93
C GLN A 188 -5.50 15.83 -16.97
N GLY A 189 -6.45 16.01 -16.06
CA GLY A 189 -7.70 15.29 -16.10
C GLY A 189 -7.84 14.16 -15.10
N ALA A 190 -6.89 14.02 -14.17
CA ALA A 190 -7.02 12.96 -13.18
C ALA A 190 -8.26 13.23 -12.33
N GLN A 191 -9.04 12.17 -12.05
CA GLN A 191 -10.25 12.31 -11.24
C GLN A 191 -9.98 12.18 -9.74
N GLY A 192 -8.89 11.51 -9.38
CA GLY A 192 -8.55 11.22 -7.98
C GLY A 192 -7.06 10.96 -8.01
N VAL A 193 -6.48 10.75 -6.84
CA VAL A 193 -5.06 10.45 -6.72
C VAL A 193 -4.85 9.25 -5.80
N ILE A 194 -4.09 8.27 -6.27
CA ILE A 194 -3.72 7.13 -5.44
C ILE A 194 -2.42 7.46 -4.72
N PHE A 195 -2.48 7.49 -3.38
CA PHE A 195 -1.25 7.53 -2.58
C PHE A 195 -0.70 6.11 -2.59
N GLY A 196 0.04 5.77 -3.67
CA GLY A 196 0.39 4.41 -3.96
C GLY A 196 1.79 4.03 -3.52
N CYS A 197 2.29 4.76 -2.52
CA CYS A 197 3.37 4.31 -1.64
C CYS A 197 2.82 4.49 -0.22
N THR A 198 2.95 3.44 0.61
CA THR A 198 2.23 3.52 1.89
C THR A 198 2.76 4.58 2.84
N GLU A 199 3.93 5.18 2.58
CA GLU A 199 4.39 6.33 3.37
C GLU A 199 3.79 7.66 2.93
N ILE A 200 3.18 7.75 1.74
CA ILE A 200 2.85 9.08 1.22
C ILE A 200 1.82 9.78 2.11
N GLY A 201 0.85 9.04 2.65
CA GLY A 201 -0.14 9.62 3.56
C GLY A 201 0.44 10.17 4.86
N LEU A 202 1.67 9.78 5.21
CA LEU A 202 2.32 10.39 6.37
C LEU A 202 2.79 11.81 6.08
N LEU A 203 3.02 12.13 4.79
CA LEU A 203 3.52 13.43 4.37
C LEU A 203 2.38 14.35 3.97
N VAL A 204 1.40 13.86 3.21
CA VAL A 204 0.44 14.73 2.52
C VAL A 204 -0.92 14.51 3.17
N PRO A 205 -1.44 15.47 3.93
CA PRO A 205 -2.82 15.34 4.41
C PRO A 205 -3.79 15.53 3.24
N GLU A 206 -4.96 14.88 3.36
CA GLU A 206 -5.94 14.95 2.30
C GLU A 206 -6.32 16.39 1.96
N GLU A 207 -6.38 17.27 2.96
CA GLU A 207 -6.73 18.68 2.70
C GLU A 207 -5.71 19.38 1.82
N ARG A 208 -4.52 18.81 1.67
CA ARG A 208 -3.49 19.39 0.83
C ARG A 208 -3.56 18.92 -0.62
N SER A 209 -4.37 17.91 -0.90
CA SER A 209 -4.54 17.37 -2.25
C SER A 209 -5.76 18.01 -2.89
N VAL A 210 -5.60 18.54 -4.11
CA VAL A 210 -6.77 19.07 -4.81
C VAL A 210 -7.63 17.96 -5.38
N LEU A 211 -7.12 16.67 -5.40
CA LEU A 211 -7.87 15.53 -5.88
C LEU A 211 -8.36 14.66 -4.72
N PRO A 212 -9.49 13.98 -4.90
CA PRO A 212 -9.89 12.95 -3.92
C PRO A 212 -8.77 11.92 -3.78
N VAL A 213 -8.53 11.51 -2.54
CA VAL A 213 -7.36 10.74 -2.15
C VAL A 213 -7.79 9.30 -1.90
N PHE A 214 -7.08 8.33 -2.50
CA PHE A 214 -7.16 6.90 -2.20
C PHE A 214 -5.86 6.56 -1.49
N ASP A 215 -5.91 6.46 -0.17
CA ASP A 215 -4.70 6.20 0.60
C ASP A 215 -4.61 4.69 0.70
N THR A 216 -3.62 4.10 0.01
CA THR A 216 -3.57 2.65 -0.10
C THR A 216 -3.44 1.98 1.25
N ALA A 217 -2.66 2.56 2.17
CA ALA A 217 -2.52 1.99 3.51
C ALA A 217 -3.85 1.98 4.25
N ALA A 218 -4.59 3.09 4.23
CA ALA A 218 -5.82 3.17 4.99
C ALA A 218 -6.87 2.24 4.41
N ILE A 219 -6.95 2.18 3.07
CA ILE A 219 -7.90 1.29 2.40
C ILE A 219 -7.54 -0.18 2.66
N HIS A 220 -6.25 -0.49 2.64
CA HIS A 220 -5.80 -1.88 2.89
C HIS A 220 -6.10 -2.29 4.34
N ALA A 221 -5.92 -1.36 5.30
CA ALA A 221 -6.28 -1.67 6.69
C ALA A 221 -7.77 -1.94 6.84
N GLU A 222 -8.62 -1.11 6.21
CA GLU A 222 -10.06 -1.36 6.27
C GLU A 222 -10.41 -2.71 5.64
N ASP A 223 -9.73 -3.06 4.53
CA ASP A 223 -9.87 -4.37 3.90
C ASP A 223 -9.53 -5.49 4.88
N ALA A 224 -8.40 -5.37 5.59
CA ALA A 224 -8.01 -6.37 6.58
C ALA A 224 -9.06 -6.50 7.68
N VAL A 225 -9.60 -5.37 8.16
CA VAL A 225 -10.62 -5.46 9.20
C VAL A 225 -11.84 -6.22 8.70
N ALA A 226 -12.27 -5.94 7.47
CA ALA A 226 -13.44 -6.63 6.91
C ALA A 226 -13.16 -8.11 6.79
N PHE A 227 -11.93 -8.49 6.41
CA PHE A 227 -11.56 -9.91 6.36
C PHE A 227 -11.58 -10.55 7.76
N MET A 228 -11.09 -9.83 8.77
CA MET A 228 -10.96 -10.43 10.09
C MET A 228 -12.32 -10.69 10.72
N LEU A 229 -13.25 -9.80 10.45
CA LEU A 229 -14.59 -9.90 11.00
C LEU A 229 -15.61 -10.43 9.99
N SER A 230 -15.15 -10.90 8.84
CA SER A 230 -16.02 -11.47 7.79
C SER A 230 -17.17 -10.53 7.45
N LEU A 231 -16.83 -9.29 7.16
CA LEU A 231 -17.80 -8.28 6.77
C LEU A 231 -17.72 -7.99 5.28
N GLU A 232 -18.82 -7.47 4.73
CA GLU A 232 -18.88 -6.83 3.40
C GLU A 232 -18.26 -7.76 2.36
N HIS A 233 -17.29 -7.31 1.55
CA HIS A 233 -16.78 -8.16 0.48
C HIS A 233 -16.08 -9.41 1.00
N HIS A 234 -15.83 -9.50 2.31
CA HIS A 234 -15.25 -10.71 2.89
C HIS A 234 -16.29 -11.55 3.62
N HIS A 235 -17.57 -11.23 3.54
CA HIS A 235 -18.59 -12.02 4.23
C HIS A 235 -18.82 -13.37 3.54
#